data_3JVD
#
_entry.id   3JVD
#
_cell.length_a   91.970
_cell.length_b   91.970
_cell.length_c   285.453
_cell.angle_alpha   90.00
_cell.angle_beta   90.00
_cell.angle_gamma   120.00
#
_symmetry.space_group_name_H-M   'P 65 2 2'
#
loop_
_entity.id
_entity.type
_entity.pdbx_description
1 polymer 'Transcriptional regulators'
2 non-polymer 'SULFATE ION'
3 non-polymer GLYCEROL
4 water water
#
_entity_poly.entity_id   1
_entity_poly.type   'polypeptide(L)'
_entity_poly.pdbx_seq_one_letter_code
;MSLSAKSSLKEVAELAGVGYATASRALSGKGYVSPQTREKVQAAAKELNYVPNQLAKALREHRSALVGVIVPDLSNEYYS
ESLQTIQQDLKAAGYQMLVAEANSVQAQDVVMESLISIQAAGIIHVPVVGSIAPEGIPMVQLTRGELGPGFPRVLCDDEA
GFFQLTESVLGGSGMNIAALVGEESLSTTQERMRGISHAASIYGAEVTFHFGHYSVESGEEMAQVVFNNGLPDALIVASP
RLMAGVMRAFTRLNVRVPHDVVIGGYDDPEWYSFVGAGITTFVPPHEEMGKEAVRLLVDLIENPELPTGDVVLQGQVILR
GSSTHEGHHHHHH
;
_entity_poly.pdbx_strand_id   A,B
#
loop_
_chem_comp.id
_chem_comp.type
_chem_comp.name
_chem_comp.formula
GOL non-polymer GLYCEROL 'C3 H8 O3'
SO4 non-polymer 'SULFATE ION' 'O4 S -2'
#
# COMPACT_ATOMS: atom_id res chain seq x y z
N SER A 64 -30.02 7.80 0.54
CA SER A 64 -28.94 6.76 0.52
C SER A 64 -28.28 6.58 1.88
N ALA A 65 -27.88 5.33 2.16
CA ALA A 65 -27.01 5.03 3.28
C ALA A 65 -25.59 4.88 2.71
N LEU A 66 -25.21 5.84 1.88
CA LEU A 66 -24.02 5.75 1.06
C LEU A 66 -23.13 6.98 1.24
N VAL A 67 -21.88 6.75 1.60
CA VAL A 67 -20.89 7.81 1.72
C VAL A 67 -19.69 7.54 0.82
N GLY A 68 -19.40 8.50 -0.05
CA GLY A 68 -18.24 8.42 -0.93
C GLY A 68 -16.98 8.95 -0.26
N VAL A 69 -15.87 8.24 -0.42
CA VAL A 69 -14.58 8.68 0.08
C VAL A 69 -13.63 8.88 -1.11
N ILE A 70 -13.13 10.10 -1.26
CA ILE A 70 -12.27 10.43 -2.40
C ILE A 70 -10.82 10.62 -1.93
N VAL A 71 -9.94 9.78 -2.48
CA VAL A 71 -8.51 9.82 -2.17
C VAL A 71 -7.71 10.07 -3.46
N PRO A 72 -6.53 10.72 -3.34
CA PRO A 72 -5.68 10.93 -4.52
C PRO A 72 -5.12 9.65 -5.16
N ASP A 73 -4.97 8.60 -4.35
CA ASP A 73 -4.19 7.42 -4.73
C ASP A 73 -4.50 6.23 -3.80
N LEU A 74 -5.09 5.19 -4.36
CA LEU A 74 -5.44 3.99 -3.60
C LEU A 74 -4.24 3.11 -3.27
N SER A 75 -3.26 3.08 -4.17
CA SER A 75 -2.04 2.28 -4.00
C SER A 75 -1.09 2.85 -2.94
N ASN A 76 -1.23 4.15 -2.64
CA ASN A 76 -0.44 4.78 -1.59
C ASN A 76 -0.90 4.35 -0.20
N GLU A 77 0.05 3.85 0.58
CA GLU A 77 -0.19 3.28 1.92
C GLU A 77 -0.73 4.32 2.92
N TYR A 78 -0.32 5.57 2.74
CA TYR A 78 -0.77 6.71 3.54
C TYR A 78 -2.30 6.87 3.57
N TYR A 79 -2.95 6.67 2.43
CA TYR A 79 -4.39 6.87 2.32
C TYR A 79 -5.21 5.65 2.69
N SER A 80 -4.62 4.45 2.51
CA SER A 80 -5.32 3.20 2.76
CA SER A 80 -5.32 3.19 2.76
C SER A 80 -5.48 2.86 4.24
N GLU A 81 -4.56 3.38 5.07
CA GLU A 81 -4.56 3.14 6.53
C GLU A 81 -5.83 3.64 7.23
N SER A 82 -6.26 4.85 6.87
CA SER A 82 -7.45 5.46 7.44
C SER A 82 -8.76 4.85 6.92
N LEU A 83 -8.73 4.26 5.72
CA LEU A 83 -9.94 3.73 5.06
C LEU A 83 -10.63 2.60 5.80
N GLN A 84 -9.83 1.78 6.48
CA GLN A 84 -10.31 0.65 7.26
C GLN A 84 -11.10 1.15 8.46
N THR A 85 -10.52 2.11 9.17
CA THR A 85 -11.17 2.72 10.33
C THR A 85 -12.34 3.63 9.93
N ILE A 86 -12.24 4.27 8.76
CA ILE A 86 -13.35 5.07 8.22
C ILE A 86 -14.57 4.18 7.94
N GLN A 87 -14.34 3.04 7.28
CA GLN A 87 -15.42 2.10 6.94
C GLN A 87 -16.14 1.50 8.15
N GLN A 88 -15.37 1.06 9.13
CA GLN A 88 -15.90 0.53 10.39
C GLN A 88 -16.84 1.53 11.07
N ASP A 89 -16.38 2.77 11.17
CA ASP A 89 -17.13 3.84 11.82
C ASP A 89 -18.31 4.31 10.99
N LEU A 90 -18.20 4.23 9.67
CA LEU A 90 -19.34 4.50 8.79
C LEU A 90 -20.41 3.41 8.90
N LYS A 91 -19.97 2.16 9.00
CA LYS A 91 -20.88 1.01 9.16
C LYS A 91 -21.70 1.10 10.45
N ALA A 92 -21.01 1.45 11.55
CA ALA A 92 -21.64 1.62 12.86
C ALA A 92 -22.65 2.78 12.88
N ALA A 93 -22.42 3.78 12.03
CA ALA A 93 -23.32 4.91 11.90
C ALA A 93 -24.49 4.63 10.95
N GLY A 94 -24.41 3.51 10.21
CA GLY A 94 -25.48 3.09 9.31
C GLY A 94 -25.21 3.39 7.85
N TYR A 95 -23.95 3.66 7.51
CA TYR A 95 -23.58 4.06 6.16
C TYR A 95 -22.64 3.06 5.50
N GLN A 96 -22.70 3.00 4.17
CA GLN A 96 -21.81 2.14 3.39
C GLN A 96 -20.78 3.00 2.64
N MET A 97 -19.54 2.53 2.61
CA MET A 97 -18.43 3.29 2.03
C MET A 97 -18.07 2.84 0.61
N LEU A 98 -18.10 3.80 -0.32
CA LEU A 98 -17.58 3.61 -1.65
C LEU A 98 -16.40 4.55 -1.85
N VAL A 99 -15.30 4.02 -2.37
CA VAL A 99 -14.07 4.79 -2.53
C VAL A 99 -13.86 5.14 -3.99
N ALA A 100 -13.53 6.39 -4.25
CA ALA A 100 -13.08 6.79 -5.57
C ALA A 100 -11.68 7.36 -5.48
N GLU A 101 -10.97 7.30 -6.60
CA GLU A 101 -9.64 7.81 -6.69
C GLU A 101 -9.63 8.98 -7.67
N ALA A 102 -9.15 10.14 -7.22
CA ALA A 102 -9.11 11.33 -8.04
C ALA A 102 -7.88 12.18 -7.71
N ASN A 103 -6.98 12.32 -8.66
CA ASN A 103 -5.74 13.07 -8.51
CA ASN A 103 -5.76 13.10 -8.47
C ASN A 103 -5.75 14.36 -9.31
N SER A 104 -6.76 14.52 -10.16
CA SER A 104 -6.84 15.68 -11.04
C SER A 104 -8.22 16.30 -10.98
N VAL A 105 -8.34 17.50 -11.53
CA VAL A 105 -9.58 18.28 -11.54
C VAL A 105 -10.72 17.60 -12.30
N GLN A 106 -10.46 17.14 -13.52
CA GLN A 106 -11.48 16.46 -14.32
C GLN A 106 -11.94 15.14 -13.69
N ALA A 107 -10.98 14.36 -13.18
CA ALA A 107 -11.28 13.13 -12.46
C ALA A 107 -12.12 13.40 -11.22
N GLN A 108 -11.79 14.44 -10.47
CA GLN A 108 -12.57 14.81 -9.28
C GLN A 108 -13.95 15.35 -9.62
N ASP A 109 -14.04 16.09 -10.72
CA ASP A 109 -15.32 16.64 -11.20
C ASP A 109 -16.29 15.52 -11.61
N VAL A 110 -15.77 14.54 -12.34
CA VAL A 110 -16.55 13.37 -12.78
C VAL A 110 -17.01 12.52 -11.58
N VAL A 111 -16.10 12.29 -10.64
CA VAL A 111 -16.42 11.55 -9.40
C VAL A 111 -17.51 12.26 -8.57
N MET A 112 -17.40 13.58 -8.47
CA MET A 112 -18.33 14.37 -7.66
C MET A 112 -19.75 14.30 -8.22
N GLU A 113 -19.88 14.50 -9.52
CA GLU A 113 -21.18 14.43 -10.18
C GLU A 113 -21.75 13.01 -10.24
N SER A 114 -20.87 12.00 -10.16
CA SER A 114 -21.29 10.61 -9.99
C SER A 114 -21.93 10.41 -8.63
N LEU A 115 -21.30 10.93 -7.58
CA LEU A 115 -21.81 10.80 -6.20
C LEU A 115 -23.06 11.65 -5.93
N ILE A 116 -23.19 12.75 -6.67
CA ILE A 116 -24.40 13.58 -6.64
C ILE A 116 -25.57 12.88 -7.34
N SER A 117 -25.27 12.17 -8.44
CA SER A 117 -26.30 11.44 -9.20
C SER A 117 -26.83 10.21 -8.44
N ILE A 118 -25.95 9.55 -7.69
CA ILE A 118 -26.33 8.48 -6.75
C ILE A 118 -27.13 9.07 -5.58
N GLN A 119 -26.91 10.36 -5.33
CA GLN A 119 -27.47 11.08 -4.18
C GLN A 119 -26.93 10.50 -2.87
N ALA A 120 -25.61 10.48 -2.75
CA ALA A 120 -24.91 10.01 -1.55
C ALA A 120 -25.26 10.86 -0.34
N ALA A 121 -25.17 10.27 0.84
CA ALA A 121 -25.52 10.95 2.08
C ALA A 121 -24.45 11.98 2.47
N GLY A 122 -23.21 11.70 2.09
CA GLY A 122 -22.09 12.59 2.38
C GLY A 122 -20.83 12.18 1.64
N ILE A 123 -19.82 13.04 1.72
CA ILE A 123 -18.53 12.82 1.07
C ILE A 123 -17.40 13.17 2.04
N ILE A 124 -16.47 12.23 2.26
CA ILE A 124 -15.20 12.56 2.92
C ILE A 124 -14.15 12.60 1.83
N HIS A 125 -13.42 13.70 1.68
CA HIS A 125 -12.45 13.78 0.60
C HIS A 125 -11.14 14.50 0.90
N VAL A 126 -10.14 14.22 0.06
CA VAL A 126 -8.90 14.98 0.00
C VAL A 126 -9.01 15.86 -1.26
N PRO A 127 -9.10 17.18 -1.07
CA PRO A 127 -9.38 18.11 -2.17
C PRO A 127 -8.18 18.28 -3.12
N VAL A 128 -8.48 18.55 -4.39
CA VAL A 128 -7.43 18.92 -5.35
C VAL A 128 -7.62 20.36 -5.78
N VAL A 129 -6.50 21.02 -6.05
CA VAL A 129 -6.46 22.44 -6.43
C VAL A 129 -7.13 22.66 -7.77
N GLY A 130 -8.11 23.56 -7.80
CA GLY A 130 -8.85 23.90 -9.02
C GLY A 130 -10.26 23.33 -9.05
N SER A 131 -10.63 22.61 -7.99
CA SER A 131 -11.93 21.94 -7.93
C SER A 131 -12.89 22.60 -6.95
N ILE A 132 -14.14 22.73 -7.38
CA ILE A 132 -15.23 23.23 -6.52
C ILE A 132 -16.40 22.25 -6.61
N ALA A 133 -16.85 21.76 -5.46
CA ALA A 133 -17.95 20.79 -5.39
C ALA A 133 -19.32 21.44 -5.49
N GLU A 135 -22.27 20.81 -4.13
CA GLU A 135 -23.24 21.76 -3.58
C GLU A 135 -24.51 21.06 -3.11
N GLY A 136 -24.94 21.36 -1.89
CA GLY A 136 -26.11 20.74 -1.30
C GLY A 136 -25.83 19.31 -0.86
N ILE A 137 -24.61 19.09 -0.38
CA ILE A 137 -24.12 17.76 -0.02
C ILE A 137 -23.08 17.87 1.11
N PRO A 138 -23.39 17.28 2.29
CA PRO A 138 -22.50 17.30 3.44
C PRO A 138 -21.12 16.74 3.08
N MET A 139 -20.07 17.44 3.50
CA MET A 139 -18.74 17.12 3.04
C MET A 139 -17.69 17.48 4.09
N VAL A 140 -16.79 16.54 4.34
CA VAL A 140 -15.68 16.76 5.25
C VAL A 140 -14.38 16.66 4.46
N GLN A 141 -13.49 17.64 4.64
CA GLN A 141 -12.20 17.67 3.97
C GLN A 141 -11.13 17.05 4.85
N LEU A 142 -10.28 16.23 4.24
CA LEU A 142 -9.17 15.59 4.94
C LEU A 142 -7.86 16.20 4.49
N THR A 143 -6.94 16.33 5.44
CA THR A 143 -5.56 16.83 5.23
C THR A 143 -5.44 18.30 4.81
N ARG A 144 -6.38 18.79 3.99
CA ARG A 144 -6.48 20.21 3.62
C ARG A 144 -7.86 20.52 3.05
N PRO A 149 -13.40 27.01 3.63
CA PRO A 149 -14.12 27.61 4.74
C PRO A 149 -15.55 27.09 4.88
N GLY A 150 -16.15 26.66 3.77
CA GLY A 150 -17.53 26.19 3.76
C GLY A 150 -17.77 24.81 4.36
N PHE A 151 -16.69 24.06 4.60
CA PHE A 151 -16.78 22.68 5.08
C PHE A 151 -15.76 22.38 6.19
N PRO A 152 -16.17 21.57 7.19
CA PRO A 152 -15.25 21.20 8.28
C PRO A 152 -14.09 20.35 7.78
N ARG A 153 -12.94 20.51 8.42
CA ARG A 153 -11.72 19.80 8.03
C ARG A 153 -11.17 19.00 9.20
N VAL A 154 -10.44 17.94 8.89
CA VAL A 154 -9.66 17.21 9.89
C VAL A 154 -8.21 17.26 9.42
N LEU A 155 -7.34 17.82 10.25
CA LEU A 155 -5.97 18.10 9.85
C LEU A 155 -4.98 17.45 10.79
N CYS A 156 -3.74 17.36 10.34
CA CYS A 156 -2.65 16.93 11.19
C CYS A 156 -1.81 18.15 11.54
N ASP A 157 -1.24 18.17 12.73
CA ASP A 157 -0.28 19.21 13.10
C ASP A 157 1.10 18.88 12.54
N ASP A 158 1.27 19.13 11.24
CA ASP A 158 2.52 18.82 10.50
C ASP A 158 3.67 19.72 10.93
N GLU A 159 3.37 21.00 11.22
CA GLU A 159 4.39 21.94 11.65
C GLU A 159 5.05 21.46 12.93
N ALA A 160 4.24 21.20 13.97
CA ALA A 160 4.77 20.74 15.24
C ALA A 160 5.49 19.41 15.10
N GLY A 161 4.94 18.51 14.28
CA GLY A 161 5.52 17.19 14.07
C GLY A 161 6.86 17.18 13.36
N PHE A 162 6.97 17.96 12.29
CA PHE A 162 8.24 18.11 11.57
C PHE A 162 9.27 18.98 12.32
N PHE A 163 8.78 19.88 13.18
CA PHE A 163 9.63 20.57 14.14
C PHE A 163 10.35 19.57 15.04
N GLN A 164 9.58 18.74 15.75
CA GLN A 164 10.16 17.73 16.66
C GLN A 164 11.03 16.71 15.93
N LEU A 165 10.58 16.28 14.75
CA LEU A 165 11.33 15.33 13.93
C LEU A 165 12.72 15.86 13.58
N THR A 166 12.78 17.12 13.15
CA THR A 166 14.04 17.79 12.77
C THR A 166 14.94 17.99 13.99
N GLU A 167 14.35 18.29 15.14
CA GLU A 167 15.09 18.39 16.40
C GLU A 167 15.77 17.09 16.80
N SER A 168 15.13 15.98 16.46
CA SER A 168 15.62 14.64 16.83
CA SER A 168 15.61 14.65 16.84
C SER A 168 16.84 14.21 16.02
N VAL A 169 16.99 14.77 14.83
CA VAL A 169 18.15 14.45 13.99
C VAL A 169 19.28 15.46 14.18
N LEU A 170 19.00 16.53 14.93
CA LEU A 170 20.00 17.57 15.17
C LEU A 170 20.62 17.51 16.57
N GLY A 171 21.95 17.42 16.61
CA GLY A 171 22.70 17.45 17.86
C GLY A 171 23.92 18.35 17.72
N GLY A 172 23.69 19.66 17.80
CA GLY A 172 24.76 20.65 17.66
C GLY A 172 24.51 21.71 16.61
N SER A 173 25.51 22.55 16.39
CA SER A 173 25.41 23.67 15.43
C SER A 173 26.45 23.56 14.31
N GLY A 174 26.24 24.35 13.25
CA GLY A 174 27.08 24.30 12.05
C GLY A 174 26.83 23.03 11.25
N MET A 175 25.60 22.53 11.30
CA MET A 175 25.21 21.30 10.63
C MET A 175 24.35 21.54 9.40
N ASN A 176 24.45 20.63 8.43
CA ASN A 176 23.67 20.71 7.20
C ASN A 176 22.52 19.70 7.19
N ILE A 177 21.34 20.18 6.80
CA ILE A 177 20.19 19.31 6.57
C ILE A 177 19.71 19.50 5.15
N ALA A 178 19.41 18.39 4.48
CA ALA A 178 18.63 18.42 3.24
C ALA A 178 17.25 17.86 3.56
N ALA A 179 16.22 18.58 3.14
CA ALA A 179 14.84 18.15 3.35
C ALA A 179 14.20 17.85 2.00
N LEU A 180 13.76 16.61 1.84
CA LEU A 180 13.05 16.18 0.64
C LEU A 180 11.53 16.24 0.90
N VAL A 181 10.87 17.18 0.23
CA VAL A 181 9.46 17.48 0.47
C VAL A 181 8.67 17.41 -0.85
N GLY A 182 7.37 17.72 -0.79
CA GLY A 182 6.52 17.67 -1.99
C GLY A 182 6.42 18.99 -2.72
N GLU A 183 5.35 19.16 -3.50
CA GLU A 183 5.10 20.40 -4.23
C GLU A 183 5.06 21.58 -3.28
N GLU A 184 5.84 22.61 -3.60
CA GLU A 184 6.00 23.80 -2.77
C GLU A 184 4.69 24.54 -2.47
N SER A 185 3.77 24.54 -3.44
CA SER A 185 2.55 25.35 -3.35
C SER A 185 1.48 24.82 -2.39
N LEU A 186 1.58 23.53 -2.05
CA LEU A 186 0.64 22.91 -1.11
C LEU A 186 0.79 23.48 0.29
N SER A 187 -0.35 23.71 0.96
CA SER A 187 -0.34 24.25 2.32
C SER A 187 0.32 23.29 3.31
N THR A 188 0.13 21.99 3.06
CA THR A 188 0.79 20.92 3.82
C THR A 188 2.32 21.06 3.75
N THR A 189 2.85 21.32 2.55
CA THR A 189 4.29 21.51 2.36
C THR A 189 4.78 22.74 3.12
N GLN A 190 4.03 23.85 3.03
CA GLN A 190 4.33 25.10 3.74
C GLN A 190 4.41 24.92 5.26
N GLU A 191 3.46 24.17 5.82
CA GLU A 191 3.44 23.79 7.24
C GLU A 191 4.69 23.02 7.64
N ARG A 192 5.02 22.00 6.85
CA ARG A 192 6.16 21.13 7.12
C ARG A 192 7.47 21.90 7.08
N MET A 193 7.62 22.71 6.03
CA MET A 193 8.75 23.62 5.85
C MET A 193 8.95 24.54 7.04
N ARG A 194 7.87 25.16 7.50
CA ARG A 194 7.90 26.04 8.67
C ARG A 194 8.45 25.34 9.92
N GLY A 195 8.01 24.09 10.14
CA GLY A 195 8.51 23.27 11.24
C GLY A 195 9.99 22.93 11.09
N ILE A 196 10.36 22.45 9.91
CA ILE A 196 11.75 22.09 9.60
C ILE A 196 12.70 23.30 9.74
N SER A 197 12.28 24.45 9.19
CA SER A 197 13.06 25.70 9.21
C SER A 197 13.28 26.24 10.61
N HIS A 198 12.21 26.22 11.41
CA HIS A 198 12.26 26.66 12.81
C HIS A 198 13.21 25.81 13.66
N ALA A 199 13.11 24.49 13.55
CA ALA A 199 14.02 23.61 14.29
C ALA A 199 15.46 23.78 13.83
N ALA A 200 15.66 23.97 12.53
CA ALA A 200 17.00 24.18 11.97
C ALA A 200 17.62 25.51 12.40
N SER A 201 16.81 26.57 12.46
N SER A 201 16.81 26.57 12.47
CA SER A 201 17.26 27.89 12.91
CA SER A 201 17.30 27.88 12.90
C SER A 201 17.73 27.87 14.36
C SER A 201 17.74 27.88 14.36
N ILE A 202 16.85 27.46 15.26
CA ILE A 202 17.17 27.39 16.71
C ILE A 202 18.37 26.52 17.07
N TYR A 203 18.63 25.47 16.31
CA TYR A 203 19.81 24.63 16.50
C TYR A 203 21.06 25.14 15.76
N GLY A 204 20.88 26.22 14.98
CA GLY A 204 21.98 26.80 14.20
C GLY A 204 22.39 25.94 13.01
N ALA A 205 21.45 25.20 12.47
CA ALA A 205 21.68 24.38 11.29
C ALA A 205 21.16 25.10 10.06
N GLU A 206 21.65 24.72 8.89
CA GLU A 206 21.08 25.26 7.65
C GLU A 206 20.37 24.17 6.85
N VAL A 207 19.16 24.48 6.37
CA VAL A 207 18.37 23.55 5.56
C VAL A 207 18.29 23.93 4.10
N THR A 208 18.38 22.90 3.26
CA THR A 208 18.10 23.05 1.85
C THR A 208 16.89 22.17 1.54
N PHE A 209 15.84 22.80 1.05
CA PHE A 209 14.62 22.12 0.65
C PHE A 209 14.68 21.72 -0.81
N HIS A 210 14.34 20.46 -1.07
CA HIS A 210 14.18 19.94 -2.43
C HIS A 210 12.73 19.53 -2.61
N PHE A 211 12.12 20.05 -3.67
CA PHE A 211 10.69 19.88 -3.93
C PHE A 211 10.51 18.86 -5.03
N GLY A 212 9.67 17.86 -4.78
CA GLY A 212 9.44 16.80 -5.73
C GLY A 212 8.00 16.37 -5.69
N HIS A 213 7.76 15.10 -6.05
CA HIS A 213 6.46 14.49 -5.93
C HIS A 213 6.58 13.37 -4.92
N TYR A 214 5.46 12.94 -4.35
CA TYR A 214 5.47 11.81 -3.43
C TYR A 214 5.53 10.50 -4.21
N SER A 215 6.74 10.16 -4.66
CA SER A 215 6.96 8.97 -5.47
C SER A 215 8.37 8.41 -5.28
N VAL A 216 8.52 7.12 -5.54
CA VAL A 216 9.79 6.42 -5.39
C VAL A 216 10.85 6.95 -6.36
N GLU A 217 10.42 7.24 -7.59
CA GLU A 217 11.28 7.81 -8.64
C GLU A 217 11.89 9.18 -8.24
N SER A 218 11.04 10.10 -7.79
CA SER A 218 11.48 11.39 -7.25
CA SER A 218 11.47 11.39 -7.26
C SER A 218 12.48 11.21 -6.11
N GLY A 219 12.19 10.25 -5.23
CA GLY A 219 13.03 9.94 -4.08
C GLY A 219 14.43 9.52 -4.47
N GLU A 220 14.52 8.59 -5.42
CA GLU A 220 15.79 8.12 -5.97
C GLU A 220 16.59 9.22 -6.66
N GLU A 221 15.89 10.10 -7.38
CA GLU A 221 16.52 11.20 -8.10
C GLU A 221 17.15 12.19 -7.14
N MET A 222 16.35 12.66 -6.19
CA MET A 222 16.78 13.66 -5.22
C MET A 222 17.91 13.16 -4.30
N ALA A 223 17.87 11.86 -3.96
CA ALA A 223 18.92 11.24 -3.15
C ALA A 223 20.26 11.13 -3.88
N GLN A 224 20.19 10.93 -5.20
CA GLN A 224 21.38 10.88 -6.06
C GLN A 224 22.02 12.27 -6.19
N VAL A 225 21.18 13.29 -6.34
CA VAL A 225 21.61 14.70 -6.37
C VAL A 225 22.34 15.05 -5.07
N VAL A 226 21.70 14.71 -3.95
CA VAL A 226 22.19 14.94 -2.60
C VAL A 226 23.56 14.28 -2.36
N PHE A 227 23.73 13.05 -2.87
CA PHE A 227 25.00 12.32 -2.78
C PHE A 227 26.11 12.97 -3.61
N ASN A 228 25.80 13.30 -4.87
CA ASN A 228 26.77 13.89 -5.80
C ASN A 228 27.32 15.24 -5.35
N ASN A 229 26.49 15.99 -4.62
CA ASN A 229 26.87 17.31 -4.13
C ASN A 229 27.60 17.26 -2.78
N GLY A 230 27.82 16.06 -2.27
CA GLY A 230 28.35 15.88 -0.92
C GLY A 230 27.20 15.76 0.06
N LEU A 231 27.13 14.61 0.74
CA LEU A 231 26.04 14.32 1.68
C LEU A 231 26.00 15.32 2.83
N PRO A 232 24.78 15.73 3.24
CA PRO A 232 24.63 16.57 4.42
C PRO A 232 24.77 15.71 5.66
N ASP A 233 24.72 16.34 6.83
CA ASP A 233 24.78 15.58 8.07
C ASP A 233 23.46 14.85 8.29
N ALA A 234 22.36 15.50 7.89
CA ALA A 234 21.02 15.01 8.15
C ALA A 234 20.12 15.09 6.92
N LEU A 235 19.18 14.13 6.83
CA LEU A 235 18.17 14.14 5.80
C LEU A 235 16.78 14.09 6.43
N ILE A 236 15.89 15.00 6.03
CA ILE A 236 14.48 14.91 6.41
C ILE A 236 13.68 14.55 5.16
N VAL A 237 12.87 13.49 5.25
CA VAL A 237 12.14 12.96 4.10
C VAL A 237 10.63 12.90 4.44
N ALA A 238 9.84 13.66 3.70
CA ALA A 238 8.44 13.92 4.09
C ALA A 238 7.39 12.94 3.55
N SER A 239 7.83 11.75 3.14
CA SER A 239 6.95 10.75 2.51
C SER A 239 7.60 9.37 2.55
N PRO A 240 6.80 8.33 2.84
CA PRO A 240 7.30 6.94 2.80
C PRO A 240 7.72 6.47 1.40
N ARG A 241 7.08 7.02 0.37
CA ARG A 241 7.43 6.69 -1.01
C ARG A 241 8.76 7.34 -1.41
N LEU A 242 8.96 8.59 -1.02
CA LEU A 242 10.25 9.26 -1.15
C LEU A 242 11.34 8.54 -0.37
N MET A 243 10.99 8.07 0.83
CA MET A 243 11.93 7.34 1.69
C MET A 243 12.40 6.04 1.05
N ALA A 244 11.48 5.30 0.42
CA ALA A 244 11.81 4.08 -0.32
C ALA A 244 12.78 4.36 -1.45
N GLY A 245 12.55 5.46 -2.18
CA GLY A 245 13.47 5.93 -3.21
C GLY A 245 14.84 6.27 -2.67
N VAL A 246 14.88 6.98 -1.54
CA VAL A 246 16.15 7.32 -0.87
C VAL A 246 16.96 6.07 -0.52
N MET A 247 16.28 5.07 0.04
CA MET A 247 16.93 3.85 0.50
C MET A 247 17.41 2.98 -0.67
N ARG A 248 16.68 3.05 -1.78
CA ARG A 248 17.05 2.37 -3.02
C ARG A 248 18.35 2.93 -3.60
N ALA A 249 18.44 4.27 -3.63
CA ALA A 249 19.62 4.98 -4.12
C ALA A 249 20.83 4.82 -3.20
N PHE A 250 20.58 4.88 -1.89
CA PHE A 250 21.61 4.76 -0.88
C PHE A 250 22.22 3.36 -0.81
N THR A 251 21.41 2.33 -1.05
CA THR A 251 21.91 0.95 -1.13
C THR A 251 22.83 0.77 -2.35
N ARG A 252 22.37 1.29 -3.49
CA ARG A 252 23.13 1.29 -4.74
C ARG A 252 24.47 2.06 -4.64
N LEU A 253 24.46 3.15 -3.88
CA LEU A 253 25.65 4.00 -3.71
C LEU A 253 26.47 3.66 -2.47
N ASN A 254 26.11 2.57 -1.81
CA ASN A 254 26.76 2.09 -0.57
C ASN A 254 26.78 3.11 0.57
N VAL A 255 25.71 3.90 0.66
CA VAL A 255 25.57 4.92 1.69
C VAL A 255 25.01 4.28 2.94
N ARG A 256 25.77 4.35 4.02
CA ARG A 256 25.39 3.70 5.26
C ARG A 256 24.60 4.64 6.17
N VAL A 257 23.47 4.14 6.67
CA VAL A 257 22.58 4.90 7.54
C VAL A 257 22.47 4.12 8.86
N PRO A 258 22.78 4.77 9.99
CA PRO A 258 23.08 6.20 10.16
C PRO A 258 24.56 6.63 10.13
N HIS A 259 25.45 5.78 9.63
CA HIS A 259 26.90 6.06 9.66
C HIS A 259 27.31 7.26 8.81
N ASP A 260 26.81 7.36 7.59
CA ASP A 260 27.16 8.47 6.69
C ASP A 260 26.18 9.65 6.78
N VAL A 261 24.90 9.34 6.98
CA VAL A 261 23.84 10.35 7.14
C VAL A 261 22.86 9.91 8.21
N VAL A 262 22.43 10.83 9.07
CA VAL A 262 21.25 10.57 9.89
C VAL A 262 19.98 10.95 9.11
N ILE A 263 18.87 10.28 9.42
CA ILE A 263 17.64 10.38 8.64
C ILE A 263 16.41 10.46 9.55
N GLY A 264 15.49 11.36 9.20
CA GLY A 264 14.15 11.39 9.79
C GLY A 264 13.14 11.24 8.66
N GLY A 265 12.09 10.45 8.89
CA GLY A 265 11.08 10.17 7.86
C GLY A 265 9.67 10.48 8.31
N TYR A 266 8.70 10.10 7.48
CA TYR A 266 7.29 10.39 7.74
C TYR A 266 6.47 9.13 7.58
N ASP A 267 5.42 9.02 8.39
CA ASP A 267 4.53 7.84 8.45
C ASP A 267 5.28 6.62 8.99
N ASP A 268 4.66 5.45 8.97
CA ASP A 268 5.32 4.27 9.55
C ASP A 268 4.93 2.96 8.86
N PRO A 269 5.42 2.76 7.61
CA PRO A 269 5.21 1.43 7.03
C PRO A 269 6.13 0.45 7.74
N GLU A 270 5.79 -0.83 7.69
CA GLU A 270 6.52 -1.87 8.42
C GLU A 270 8.02 -1.88 8.19
N TRP A 271 8.45 -1.55 6.97
CA TRP A 271 9.87 -1.62 6.64
C TRP A 271 10.77 -0.60 7.31
N TYR A 272 10.18 0.48 7.83
CA TYR A 272 10.91 1.48 8.62
C TYR A 272 11.60 0.82 9.81
N SER A 273 10.92 -0.14 10.43
CA SER A 273 11.43 -0.88 11.58
C SER A 273 12.64 -1.76 11.31
N PHE A 274 12.89 -2.11 10.05
CA PHE A 274 14.00 -3.02 9.74
C PHE A 274 15.02 -2.56 8.68
N VAL A 275 15.05 -1.26 8.41
CA VAL A 275 16.16 -0.63 7.66
C VAL A 275 16.74 0.57 8.41
N GLY A 276 17.99 0.92 8.10
CA GLY A 276 18.66 2.10 8.63
C GLY A 276 18.74 2.16 10.15
N ALA A 277 18.90 1.00 10.77
CA ALA A 277 18.75 0.78 12.23
C ALA A 277 17.36 1.15 12.78
N GLY A 278 16.36 1.20 11.91
CA GLY A 278 15.02 1.68 12.30
C GLY A 278 14.90 3.14 11.93
N ILE A 279 13.91 3.47 11.12
CA ILE A 279 13.70 4.83 10.68
C ILE A 279 12.97 5.65 11.74
N THR A 280 13.65 6.68 12.25
CA THR A 280 13.03 7.66 13.13
C THR A 280 12.04 8.43 12.29
N THR A 281 10.81 8.57 12.79
CA THR A 281 9.74 9.08 11.95
C THR A 281 8.70 9.86 12.73
N PHE A 282 8.06 10.81 12.04
CA PHE A 282 6.86 11.43 12.56
C PHE A 282 5.65 10.72 11.96
N VAL A 283 4.78 10.21 12.82
CA VAL A 283 3.63 9.42 12.40
C VAL A 283 2.35 10.20 12.69
N PRO A 284 1.56 10.51 11.66
CA PRO A 284 0.29 11.20 11.89
C PRO A 284 -0.73 10.24 12.53
N PRO A 285 -1.75 10.78 13.22
CA PRO A 285 -2.64 9.83 13.91
C PRO A 285 -3.76 9.34 12.98
N HIS A 286 -3.45 8.34 12.17
CA HIS A 286 -4.34 7.90 11.09
C HIS A 286 -5.72 7.46 11.56
N GLU A 287 -5.75 6.65 12.61
CA GLU A 287 -6.98 6.08 13.15
C GLU A 287 -7.90 7.17 13.69
N GLU A 288 -7.33 8.05 14.53
CA GLU A 288 -8.05 9.18 15.11
C GLU A 288 -8.61 10.14 14.07
N MET A 289 -7.85 10.41 13.02
CA MET A 289 -8.29 11.28 11.92
C MET A 289 -9.51 10.71 11.21
N GLY A 290 -9.52 9.39 10.98
CA GLY A 290 -10.64 8.72 10.35
C GLY A 290 -11.90 8.73 11.20
N LYS A 291 -11.74 8.44 12.49
CA LYS A 291 -12.82 8.48 13.46
C LYS A 291 -13.43 9.88 13.53
N GLU A 292 -12.56 10.89 13.60
CA GLU A 292 -12.99 12.27 13.68
C GLU A 292 -13.68 12.74 12.39
N ALA A 293 -13.17 12.31 11.24
CA ALA A 293 -13.82 12.62 9.95
C ALA A 293 -15.24 12.04 9.86
N VAL A 294 -15.43 10.83 10.38
CA VAL A 294 -16.74 10.18 10.38
C VAL A 294 -17.67 10.88 11.38
N ARG A 295 -17.17 11.10 12.60
CA ARG A 295 -17.87 11.82 13.65
C ARG A 295 -18.38 13.17 13.16
N LEU A 296 -17.53 13.94 12.47
CA LEU A 296 -17.91 15.25 11.95
C LEU A 296 -18.93 15.19 10.82
N LEU A 297 -18.82 14.18 9.95
CA LEU A 297 -19.72 14.05 8.81
C LEU A 297 -21.12 13.65 9.27
N VAL A 298 -21.19 12.69 10.20
CA VAL A 298 -22.45 12.27 10.81
C VAL A 298 -23.15 13.46 11.50
N ASP A 299 -22.37 14.29 12.18
CA ASP A 299 -22.88 15.53 12.79
C ASP A 299 -23.38 16.53 11.74
N LEU A 300 -22.72 16.58 10.58
CA LEU A 300 -23.15 17.45 9.48
C LEU A 300 -24.43 16.98 8.81
N ILE A 301 -24.64 15.66 8.77
CA ILE A 301 -25.83 15.08 8.15
C ILE A 301 -27.06 15.27 9.04
N GLU A 302 -26.91 15.03 10.34
CA GLU A 302 -28.01 15.14 11.28
C GLU A 302 -28.31 16.59 11.70
N ASN A 303 -27.26 17.34 12.04
CA ASN A 303 -27.39 18.77 12.35
C ASN A 303 -26.82 19.60 11.20
N PRO A 304 -27.70 20.10 10.30
CA PRO A 304 -27.35 20.67 8.98
C PRO A 304 -26.29 21.78 8.99
N GLU A 305 -26.36 22.69 9.95
CA GLU A 305 -25.41 23.81 10.05
C GLU A 305 -25.23 24.31 11.47
N THR A 308 -19.48 24.86 13.15
CA THR A 308 -18.57 23.76 12.87
C THR A 308 -17.30 24.20 12.13
N GLY A 309 -16.15 23.66 12.56
CA GLY A 309 -14.85 24.01 11.99
C GLY A 309 -13.82 22.89 12.04
N ASP A 310 -12.54 23.26 11.98
CA ASP A 310 -11.44 22.30 11.86
C ASP A 310 -11.08 21.60 13.18
N VAL A 311 -10.62 20.36 13.06
CA VAL A 311 -10.03 19.63 14.17
C VAL A 311 -8.59 19.29 13.79
N VAL A 312 -7.63 19.70 14.62
CA VAL A 312 -6.22 19.48 14.34
C VAL A 312 -5.65 18.50 15.36
N LEU A 313 -5.18 17.36 14.86
CA LEU A 313 -4.70 16.30 15.74
C LEU A 313 -3.19 16.20 15.75
N GLN A 314 -2.65 15.73 16.89
CA GLN A 314 -1.21 15.64 17.07
C GLN A 314 -0.77 14.23 16.76
N GLY A 315 0.29 14.10 15.96
CA GLY A 315 0.90 12.81 15.74
C GLY A 315 2.00 12.57 16.76
N GLN A 316 2.81 11.53 16.54
CA GLN A 316 3.92 11.25 17.43
C GLN A 316 5.22 10.97 16.68
N VAL A 317 6.33 11.36 17.27
CA VAL A 317 7.64 11.03 16.75
C VAL A 317 8.10 9.73 17.40
N ILE A 318 8.43 8.73 16.58
CA ILE A 318 8.96 7.49 17.10
C ILE A 318 10.47 7.49 16.89
N LEU A 319 11.20 7.45 17.99
CA LEU A 319 12.65 7.49 17.95
C LEU A 319 13.22 6.10 17.74
N ARG A 320 14.07 6.00 16.73
CA ARG A 320 14.73 4.74 16.38
C ARG A 320 16.19 5.05 16.05
N GLY A 321 16.89 4.12 15.43
CA GLY A 321 18.33 4.26 15.23
C GLY A 321 18.83 5.19 14.14
N SER A 322 17.98 5.53 13.16
CA SER A 322 18.42 6.29 11.97
C SER A 322 18.84 7.73 12.25
N SER A 323 18.32 8.31 13.32
CA SER A 323 18.53 9.74 13.63
C SER A 323 19.77 10.07 14.48
N THR A 324 20.41 9.06 15.07
CA THR A 324 21.57 9.26 15.94
C THR A 324 22.81 8.48 15.49
N HIS A 325 23.99 8.93 15.91
CA HIS A 325 25.24 8.19 15.68
C HIS A 325 25.56 7.24 16.83
N SER B 64 -24.70 3.76 -14.38
CA SER B 64 -24.83 3.56 -15.86
C SER B 64 -23.51 3.77 -16.58
N ALA B 65 -22.66 4.64 -16.04
CA ALA B 65 -21.28 4.79 -16.47
C ALA B 65 -20.36 4.39 -15.31
N LEU B 66 -20.94 3.69 -14.34
CA LEU B 66 -20.25 3.37 -13.10
C LEU B 66 -19.96 1.87 -12.99
N VAL B 67 -18.70 1.55 -12.74
CA VAL B 67 -18.26 0.19 -12.53
C VAL B 67 -17.77 0.00 -11.10
N GLY B 68 -18.41 -0.91 -10.38
CA GLY B 68 -17.99 -1.29 -9.03
C GLY B 68 -16.80 -2.23 -9.03
N VAL B 69 -15.85 -1.98 -8.14
CA VAL B 69 -14.73 -2.88 -7.93
C VAL B 69 -14.70 -3.31 -6.45
N ILE B 70 -14.90 -4.60 -6.20
CA ILE B 70 -14.94 -5.12 -4.83
C ILE B 70 -13.70 -5.95 -4.53
N VAL B 71 -12.98 -5.57 -3.47
CA VAL B 71 -11.79 -6.29 -3.03
C VAL B 71 -12.03 -6.76 -1.59
N PRO B 72 -11.32 -7.82 -1.14
CA PRO B 72 -11.46 -8.24 0.25
C PRO B 72 -10.82 -7.28 1.26
N ASP B 73 -9.69 -6.69 0.88
CA ASP B 73 -8.92 -5.84 1.78
C ASP B 73 -8.18 -4.75 0.98
N LEU B 74 -8.58 -3.50 1.22
CA LEU B 74 -8.03 -2.34 0.51
C LEU B 74 -6.57 -2.05 0.85
N SER B 75 -6.16 -2.38 2.06
CA SER B 75 -4.79 -2.13 2.52
C SER B 75 -3.81 -3.23 2.13
N ASN B 76 -4.33 -4.29 1.51
CA ASN B 76 -3.48 -5.34 0.96
C ASN B 76 -2.97 -4.97 -0.42
N GLU B 77 -1.65 -4.98 -0.58
CA GLU B 77 -1.01 -4.53 -1.83
C GLU B 77 -1.21 -5.50 -3.00
N TYR B 78 -1.67 -6.71 -2.72
CA TYR B 78 -2.01 -7.67 -3.75
C TYR B 78 -3.22 -7.21 -4.56
N TYR B 79 -4.21 -6.64 -3.87
CA TYR B 79 -5.46 -6.22 -4.49
C TYR B 79 -5.43 -4.77 -4.99
N SER B 80 -4.69 -3.91 -4.30
CA SER B 80 -4.65 -2.48 -4.62
C SER B 80 -3.72 -2.13 -5.78
N GLU B 81 -2.81 -3.04 -6.13
CA GLU B 81 -1.85 -2.82 -7.21
C GLU B 81 -2.46 -2.83 -8.61
N SER B 82 -3.57 -3.53 -8.78
CA SER B 82 -4.25 -3.62 -10.07
CA SER B 82 -4.25 -3.62 -10.07
C SER B 82 -5.24 -2.47 -10.25
N LEU B 83 -5.62 -1.85 -9.13
CA LEU B 83 -6.63 -0.78 -9.09
C LEU B 83 -6.36 0.44 -9.97
N GLN B 84 -5.09 0.87 -10.03
CA GLN B 84 -4.71 2.03 -10.84
C GLN B 84 -4.95 1.75 -12.33
N THR B 85 -4.48 0.57 -12.75
CA THR B 85 -4.65 0.06 -14.11
C THR B 85 -6.12 -0.08 -14.48
N ILE B 86 -6.89 -0.67 -13.56
CA ILE B 86 -8.32 -0.85 -13.74
C ILE B 86 -9.00 0.51 -13.96
N GLN B 87 -8.66 1.49 -13.13
CA GLN B 87 -9.23 2.84 -13.25
C GLN B 87 -8.92 3.50 -14.59
N GLN B 88 -7.65 3.46 -15.00
CA GLN B 88 -7.21 4.04 -16.26
C GLN B 88 -7.91 3.42 -17.47
N ASP B 89 -8.00 2.10 -17.48
CA ASP B 89 -8.63 1.36 -18.57
C ASP B 89 -10.15 1.50 -18.59
N LEU B 90 -10.76 1.66 -17.42
CA LEU B 90 -12.19 1.93 -17.36
C LEU B 90 -12.48 3.33 -17.88
N LYS B 91 -11.63 4.29 -17.52
CA LYS B 91 -11.75 5.68 -17.95
C LYS B 91 -11.66 5.80 -19.46
N ALA B 92 -10.72 5.08 -20.07
CA ALA B 92 -10.54 5.01 -21.52
C ALA B 92 -11.74 4.37 -22.23
N ALA B 93 -12.46 3.50 -21.52
CA ALA B 93 -13.70 2.93 -22.06
C ALA B 93 -14.93 3.76 -21.70
N GLY B 94 -14.72 4.86 -20.97
CA GLY B 94 -15.80 5.77 -20.60
C GLY B 94 -16.53 5.41 -19.31
N TYR B 95 -15.81 4.77 -18.39
CA TYR B 95 -16.42 4.29 -17.14
C TYR B 95 -15.74 4.83 -15.90
N GLN B 96 -16.55 5.04 -14.85
CA GLN B 96 -16.09 5.54 -13.57
C GLN B 96 -15.95 4.40 -12.58
N MET B 97 -14.79 4.30 -11.93
CA MET B 97 -14.54 3.26 -10.92
C MET B 97 -15.00 3.69 -9.53
N LEU B 98 -15.75 2.82 -8.87
CA LEU B 98 -16.02 2.96 -7.43
C LEU B 98 -15.59 1.69 -6.70
N VAL B 99 -14.72 1.84 -5.70
CA VAL B 99 -14.19 0.71 -4.97
C VAL B 99 -14.91 0.49 -3.65
N ALA B 100 -15.16 -0.78 -3.35
CA ALA B 100 -15.71 -1.19 -2.06
C ALA B 100 -14.87 -2.33 -1.51
N GLU B 101 -14.98 -2.55 -0.20
CA GLU B 101 -14.28 -3.63 0.48
C GLU B 101 -15.30 -4.58 1.08
N ALA B 102 -15.16 -5.87 0.77
CA ALA B 102 -16.02 -6.90 1.35
C ALA B 102 -15.26 -8.19 1.55
N ASN B 103 -15.18 -8.63 2.80
CA ASN B 103 -14.40 -9.80 3.19
C ASN B 103 -15.28 -10.96 3.70
N SER B 104 -16.57 -10.68 3.84
CA SER B 104 -17.54 -11.68 4.27
C SER B 104 -18.67 -11.77 3.26
N VAL B 105 -19.54 -12.78 3.43
CA VAL B 105 -20.72 -12.98 2.60
C VAL B 105 -21.74 -11.87 2.84
N GLN B 106 -21.88 -11.46 4.10
CA GLN B 106 -22.82 -10.39 4.49
C GLN B 106 -22.39 -9.02 3.94
N ALA B 107 -21.09 -8.74 4.00
CA ALA B 107 -20.53 -7.51 3.45
C ALA B 107 -20.63 -7.47 1.92
N GLN B 108 -20.40 -8.61 1.28
CA GLN B 108 -20.48 -8.74 -0.17
C GLN B 108 -21.91 -8.53 -0.68
N ASP B 109 -22.89 -9.01 0.07
CA ASP B 109 -24.30 -8.86 -0.29
C ASP B 109 -24.79 -7.40 -0.21
N VAL B 110 -24.44 -6.71 0.87
CA VAL B 110 -24.80 -5.29 1.05
C VAL B 110 -24.16 -4.43 -0.03
N VAL B 111 -22.88 -4.68 -0.30
CA VAL B 111 -22.13 -3.98 -1.35
C VAL B 111 -22.75 -4.21 -2.75
N MET B 112 -23.15 -5.45 -3.01
CA MET B 112 -23.76 -5.83 -4.29
C MET B 112 -25.14 -5.19 -4.51
N GLU B 113 -25.97 -5.19 -3.46
CA GLU B 113 -27.30 -4.59 -3.56
C GLU B 113 -27.25 -3.05 -3.57
N SER B 114 -26.15 -2.49 -3.06
CA SER B 114 -25.87 -1.06 -3.18
C SER B 114 -25.62 -0.70 -4.64
N LEU B 115 -24.91 -1.56 -5.35
CA LEU B 115 -24.59 -1.35 -6.77
C LEU B 115 -25.76 -1.64 -7.72
N ILE B 116 -26.77 -2.36 -7.24
CA ILE B 116 -28.03 -2.54 -7.97
C ILE B 116 -28.86 -1.26 -7.87
N SER B 117 -28.88 -0.67 -6.67
CA SER B 117 -29.54 0.60 -6.40
C SER B 117 -28.97 1.77 -7.20
N ILE B 118 -27.66 1.69 -7.50
CA ILE B 118 -26.97 2.67 -8.32
C ILE B 118 -27.19 2.37 -9.81
N GLN B 119 -27.54 1.11 -10.10
CA GLN B 119 -27.68 0.57 -11.46
C GLN B 119 -26.34 0.63 -12.19
N ALA B 120 -25.33 0.00 -11.60
CA ALA B 120 -23.98 -0.02 -12.13
C ALA B 120 -23.91 -0.79 -13.45
N ALA B 121 -23.06 -0.31 -14.37
CA ALA B 121 -22.90 -0.94 -15.67
C ALA B 121 -22.15 -2.28 -15.60
N GLY B 122 -21.34 -2.46 -14.56
CA GLY B 122 -20.56 -3.66 -14.38
C GLY B 122 -19.86 -3.75 -13.04
N ILE B 123 -19.41 -4.96 -12.72
CA ILE B 123 -18.69 -5.24 -11.48
C ILE B 123 -17.41 -6.01 -11.79
N ILE B 124 -16.30 -5.57 -11.22
CA ILE B 124 -15.09 -6.38 -11.18
C ILE B 124 -14.85 -6.72 -9.72
N HIS B 125 -14.74 -8.00 -9.38
CA HIS B 125 -14.59 -8.38 -7.97
C HIS B 125 -13.80 -9.66 -7.69
N VAL B 126 -13.22 -9.71 -6.50
CA VAL B 126 -12.71 -10.94 -5.92
C VAL B 126 -13.86 -11.53 -5.10
N PRO B 127 -14.47 -12.63 -5.58
CA PRO B 127 -15.64 -13.19 -4.90
C PRO B 127 -15.25 -13.96 -3.64
N VAL B 128 -16.23 -14.18 -2.76
CA VAL B 128 -16.05 -15.03 -1.57
C VAL B 128 -17.14 -16.11 -1.49
N ALA B 133 -23.59 -14.24 -5.87
CA ALA B 133 -23.41 -13.13 -6.80
C ALA B 133 -24.63 -12.97 -7.71
N PRO B 134 -25.52 -12.00 -7.38
CA PRO B 134 -26.76 -11.65 -8.10
C PRO B 134 -26.60 -11.36 -9.60
N GLU B 135 -27.70 -11.57 -10.35
CA GLU B 135 -27.70 -11.46 -11.81
C GLU B 135 -28.14 -10.07 -12.31
N GLY B 136 -28.12 -9.90 -13.63
CA GLY B 136 -28.56 -8.65 -14.27
C GLY B 136 -27.42 -7.72 -14.63
N ILE B 137 -26.38 -7.73 -13.80
CA ILE B 137 -25.22 -6.86 -13.97
C ILE B 137 -24.00 -7.69 -14.40
N PRO B 138 -23.38 -7.32 -15.54
CA PRO B 138 -22.15 -7.95 -16.05
C PRO B 138 -21.01 -7.95 -15.03
N MET B 139 -20.34 -9.09 -14.87
CA MET B 139 -19.25 -9.16 -13.91
C MET B 139 -18.02 -9.93 -14.37
N VAL B 140 -16.86 -9.47 -13.91
CA VAL B 140 -15.60 -10.20 -14.07
C VAL B 140 -15.15 -10.63 -12.67
N GLN B 141 -14.69 -11.87 -12.58
CA GLN B 141 -14.17 -12.40 -11.33
C GLN B 141 -12.66 -12.41 -11.37
N LEU B 142 -12.04 -12.06 -10.23
CA LEU B 142 -10.59 -12.05 -10.11
C LEU B 142 -10.15 -13.14 -9.14
N THR B 143 -9.11 -13.88 -9.56
CA THR B 143 -8.41 -14.93 -8.77
C THR B 143 -9.18 -16.22 -8.46
N ARG B 144 -10.52 -16.15 -8.43
CA ARG B 144 -11.36 -17.33 -8.20
C ARG B 144 -12.80 -17.06 -8.61
N GLY B 145 -13.67 -18.05 -8.37
CA GLY B 145 -15.10 -17.89 -8.58
C GLY B 145 -15.73 -18.93 -9.48
N GLU B 146 -17.01 -18.73 -9.77
CA GLU B 146 -17.76 -19.63 -10.65
C GLU B 146 -17.22 -19.62 -12.09
N LEU B 147 -17.11 -20.82 -12.65
CA LEU B 147 -16.67 -21.00 -14.02
C LEU B 147 -17.91 -21.36 -14.82
N GLY B 148 -18.33 -20.43 -15.68
CA GLY B 148 -19.52 -20.61 -16.50
C GLY B 148 -19.66 -19.49 -17.53
N PRO B 149 -20.62 -19.66 -18.47
CA PRO B 149 -20.79 -18.70 -19.57
C PRO B 149 -21.40 -17.39 -19.08
N GLY B 150 -20.75 -16.29 -19.40
CA GLY B 150 -21.14 -14.98 -18.91
C GLY B 150 -20.46 -14.62 -17.61
N PHE B 151 -19.62 -15.54 -17.11
CA PHE B 151 -18.87 -15.30 -15.86
C PHE B 151 -17.36 -15.53 -16.01
N PRO B 152 -16.67 -14.63 -16.74
CA PRO B 152 -15.25 -14.86 -17.03
C PRO B 152 -14.38 -14.56 -15.81
N ARG B 153 -13.20 -15.19 -15.78
CA ARG B 153 -12.33 -15.16 -14.61
C ARG B 153 -10.92 -14.83 -15.05
N VAL B 154 -10.28 -13.91 -14.34
CA VAL B 154 -8.87 -13.63 -14.56
C VAL B 154 -8.12 -14.30 -13.44
N LEU B 155 -7.22 -15.21 -13.80
CA LEU B 155 -6.53 -16.08 -12.86
C LEU B 155 -5.03 -15.99 -13.03
N CYS B 156 -4.32 -16.17 -11.91
CA CYS B 156 -2.85 -16.21 -11.92
C CYS B 156 -2.42 -17.66 -11.73
N ASP B 157 -1.26 -18.01 -12.29
CA ASP B 157 -0.70 -19.35 -12.08
C ASP B 157 0.26 -19.40 -10.89
N ASP B 158 -0.31 -19.63 -9.71
CA ASP B 158 0.44 -19.69 -8.45
C ASP B 158 1.40 -20.88 -8.35
N GLU B 159 0.95 -22.04 -8.82
CA GLU B 159 1.79 -23.24 -8.87
C GLU B 159 3.09 -22.97 -9.62
N ALA B 160 2.97 -22.44 -10.83
CA ALA B 160 4.12 -22.11 -11.67
C ALA B 160 5.06 -21.15 -10.98
N GLY B 161 4.49 -20.08 -10.42
CA GLY B 161 5.27 -19.05 -9.75
C GLY B 161 6.09 -19.57 -8.58
N PHE B 162 5.45 -20.36 -7.73
CA PHE B 162 6.13 -20.90 -6.56
C PHE B 162 7.09 -22.03 -6.87
N PHE B 163 6.84 -22.74 -7.98
CA PHE B 163 7.79 -23.74 -8.48
C PHE B 163 9.07 -23.05 -8.92
N GLN B 164 8.92 -21.99 -9.73
CA GLN B 164 10.07 -21.23 -10.24
C GLN B 164 10.82 -20.51 -9.12
N LEU B 165 10.07 -20.01 -8.13
CA LEU B 165 10.66 -19.31 -6.99
C LEU B 165 11.55 -20.23 -6.17
N THR B 166 11.02 -21.41 -5.86
CA THR B 166 11.74 -22.44 -5.11
C THR B 166 13.01 -22.91 -5.84
N GLU B 167 12.89 -23.13 -7.16
CA GLU B 167 14.02 -23.50 -8.01
C GLU B 167 15.18 -22.51 -7.93
N SER B 168 14.85 -21.23 -7.99
CA SER B 168 15.83 -20.14 -7.98
C SER B 168 16.51 -19.97 -6.62
N VAL B 169 15.91 -20.55 -5.60
CA VAL B 169 16.41 -20.47 -4.23
C VAL B 169 17.32 -21.66 -3.91
N LEU B 170 16.98 -22.83 -4.48
CA LEU B 170 17.81 -24.02 -4.35
C LEU B 170 19.06 -23.96 -5.22
N GLY B 171 20.20 -24.32 -4.64
CA GLY B 171 21.48 -24.34 -5.34
C GLY B 171 22.00 -25.75 -5.59
N GLY B 172 21.76 -26.63 -4.62
CA GLY B 172 22.22 -28.02 -4.69
C GLY B 172 21.14 -29.03 -4.33
N SER B 173 21.56 -30.15 -3.76
CA SER B 173 20.65 -31.25 -3.44
C SER B 173 20.63 -31.60 -1.95
N GLY B 174 19.51 -32.17 -1.51
CA GLY B 174 19.32 -32.61 -0.13
C GLY B 174 19.14 -31.51 0.91
N MET B 175 18.94 -30.28 0.43
CA MET B 175 18.88 -29.08 1.29
C MET B 175 17.57 -28.99 2.07
N ASN B 176 17.57 -28.10 3.06
CA ASN B 176 16.37 -27.83 3.85
C ASN B 176 15.65 -26.56 3.37
N ILE B 177 14.34 -26.67 3.20
CA ILE B 177 13.50 -25.52 2.88
C ILE B 177 12.38 -25.44 3.91
N ALA B 178 12.14 -24.24 4.44
CA ALA B 178 10.91 -23.98 5.15
C ALA B 178 10.04 -23.05 4.30
N ALA B 179 8.74 -23.32 4.27
CA ALA B 179 7.82 -22.51 3.50
C ALA B 179 6.71 -21.95 4.37
N LEU B 180 6.57 -20.62 4.33
CA LEU B 180 5.57 -19.91 5.09
C LEU B 180 4.42 -19.51 4.19
N VAL B 181 3.26 -20.09 4.44
CA VAL B 181 2.10 -19.93 3.57
C VAL B 181 0.86 -19.55 4.40
N GLY B 182 -0.27 -19.34 3.73
CA GLY B 182 -1.52 -18.99 4.40
C GLY B 182 -2.27 -20.17 4.99
N GLU B 183 -3.59 -20.07 4.96
CA GLU B 183 -4.48 -21.14 5.43
C GLU B 183 -4.47 -22.28 4.42
N GLU B 184 -4.16 -23.49 4.91
CA GLU B 184 -4.04 -24.70 4.09
C GLU B 184 -5.28 -25.02 3.25
N SER B 185 -6.45 -24.75 3.82
CA SER B 185 -7.75 -25.00 3.19
CA SER B 185 -7.75 -25.00 3.19
C SER B 185 -7.92 -24.27 1.86
N LEU B 186 -7.33 -23.07 1.76
CA LEU B 186 -7.42 -22.22 0.57
C LEU B 186 -6.90 -22.88 -0.71
N SER B 187 -7.65 -22.72 -1.80
CA SER B 187 -7.34 -23.33 -3.08
C SER B 187 -6.05 -22.77 -3.68
N THR B 188 -5.77 -21.50 -3.37
CA THR B 188 -4.51 -20.85 -3.79
C THR B 188 -3.31 -21.39 -3.02
N THR B 189 -3.46 -21.58 -1.70
CA THR B 189 -2.40 -22.19 -0.86
C THR B 189 -2.06 -23.60 -1.33
N GLN B 190 -3.10 -24.39 -1.64
CA GLN B 190 -2.96 -25.73 -2.22
C GLN B 190 -2.10 -25.73 -3.48
N GLU B 191 -2.39 -24.79 -4.38
CA GLU B 191 -1.63 -24.61 -5.63
C GLU B 191 -0.18 -24.20 -5.38
N ARG B 192 0.03 -23.38 -4.35
CA ARG B 192 1.36 -22.91 -3.98
C ARG B 192 2.24 -24.04 -3.43
N MET B 193 1.66 -24.88 -2.57
CA MET B 193 2.32 -26.03 -1.99
C MET B 193 2.78 -27.02 -3.06
N ARG B 194 1.90 -27.25 -4.04
CA ARG B 194 2.19 -28.06 -5.23
C ARG B 194 3.49 -27.64 -5.91
N GLY B 195 3.60 -26.34 -6.20
CA GLY B 195 4.78 -25.77 -6.83
C GLY B 195 6.04 -25.96 -6.02
N ILE B 196 5.93 -25.69 -4.72
CA ILE B 196 7.04 -25.83 -3.78
C ILE B 196 7.46 -27.30 -3.60
N SER B 197 6.49 -28.18 -3.36
CA SER B 197 6.78 -29.61 -3.16
C SER B 197 7.39 -30.26 -4.39
N HIS B 198 6.85 -29.95 -5.56
CA HIS B 198 7.37 -30.49 -6.81
C HIS B 198 8.78 -30.01 -7.11
N ALA B 199 9.04 -28.72 -6.88
CA ALA B 199 10.38 -28.16 -7.05
C ALA B 199 11.40 -28.82 -6.10
N ALA B 200 10.95 -29.11 -4.88
CA ALA B 200 11.78 -29.77 -3.88
C ALA B 200 12.15 -31.18 -4.32
N SER B 201 11.17 -31.91 -4.84
CA SER B 201 11.38 -33.27 -5.36
C SER B 201 12.49 -33.36 -6.41
N ILE B 202 12.49 -32.44 -7.37
CA ILE B 202 13.48 -32.40 -8.45
C ILE B 202 14.89 -32.17 -7.90
N TYR B 203 14.99 -31.34 -6.86
CA TYR B 203 16.26 -31.04 -6.21
C TYR B 203 16.52 -31.91 -4.97
N GLY B 204 15.63 -32.87 -4.70
CA GLY B 204 15.78 -33.80 -3.58
C GLY B 204 15.63 -33.20 -2.19
N ALA B 205 15.25 -31.92 -2.15
CA ALA B 205 15.13 -31.14 -0.93
C ALA B 205 13.91 -31.53 -0.12
N GLU B 206 13.95 -31.28 1.19
CA GLU B 206 12.81 -31.51 2.06
C GLU B 206 12.19 -30.20 2.50
N VAL B 207 10.86 -30.19 2.61
CA VAL B 207 10.12 -28.97 2.89
C VAL B 207 9.27 -29.12 4.13
N THR B 208 9.37 -28.14 5.03
CA THR B 208 8.48 -28.04 6.18
C THR B 208 7.52 -26.87 5.94
N PHE B 209 6.23 -27.19 5.90
CA PHE B 209 5.22 -26.17 5.65
C PHE B 209 4.70 -25.57 6.96
N HIS B 210 4.87 -24.26 7.08
CA HIS B 210 4.35 -23.51 8.20
C HIS B 210 3.14 -22.70 7.73
N PHE B 211 2.03 -22.85 8.43
CA PHE B 211 0.77 -22.21 8.04
C PHE B 211 0.40 -21.10 9.00
N GLY B 212 -0.33 -20.12 8.50
CA GLY B 212 -0.72 -18.96 9.28
C GLY B 212 -1.66 -18.07 8.50
N HIS B 213 -1.53 -16.76 8.70
CA HIS B 213 -2.38 -15.78 8.04
C HIS B 213 -1.47 -14.79 7.32
N TYR B 214 -2.00 -14.07 6.34
CA TYR B 214 -1.22 -13.05 5.66
C TYR B 214 -1.20 -11.77 6.49
N SER B 215 -0.35 -11.78 7.52
CA SER B 215 -0.19 -10.68 8.45
C SER B 215 1.24 -10.64 8.95
N VAL B 216 1.66 -9.45 9.39
CA VAL B 216 3.01 -9.21 9.91
C VAL B 216 3.30 -10.03 11.19
N GLU B 217 2.33 -10.04 12.11
CA GLU B 217 2.45 -10.81 13.36
C GLU B 217 2.71 -12.29 13.10
N SER B 218 1.92 -12.89 12.20
CA SER B 218 2.07 -14.30 11.84
CA SER B 218 2.07 -14.31 11.85
C SER B 218 3.46 -14.59 11.33
N GLY B 219 3.97 -13.71 10.46
CA GLY B 219 5.31 -13.83 9.91
C GLY B 219 6.41 -13.65 10.94
N GLU B 220 6.13 -12.86 11.97
CA GLU B 220 7.06 -12.68 13.10
C GLU B 220 7.13 -13.95 13.96
N GLU B 221 5.96 -14.43 14.38
CA GLU B 221 5.84 -15.67 15.14
C GLU B 221 6.53 -16.85 14.44
N MET B 222 6.16 -17.10 13.18
CA MET B 222 6.66 -18.24 12.42
C MET B 222 8.16 -18.23 12.19
N ALA B 223 8.74 -17.05 11.97
CA ALA B 223 10.18 -16.89 11.77
C ALA B 223 10.99 -17.10 13.04
N GLN B 224 10.37 -16.86 14.19
CA GLN B 224 10.99 -17.12 15.49
C GLN B 224 11.18 -18.64 15.64
N VAL B 225 10.07 -19.37 15.51
CA VAL B 225 10.02 -20.85 15.50
C VAL B 225 11.04 -21.47 14.54
N VAL B 226 11.14 -20.93 13.34
CA VAL B 226 12.09 -21.39 12.32
C VAL B 226 13.54 -21.15 12.78
N PHE B 227 13.79 -20.01 13.42
CA PHE B 227 15.11 -19.70 13.98
C PHE B 227 15.43 -20.55 15.21
N ASN B 228 14.40 -20.79 16.03
CA ASN B 228 14.51 -21.60 17.26
C ASN B 228 14.76 -23.07 17.00
N ASN B 229 14.19 -23.59 15.89
CA ASN B 229 14.33 -25.00 15.55
C ASN B 229 15.49 -25.26 14.58
N GLY B 230 16.34 -24.25 14.41
CA GLY B 230 17.46 -24.31 13.48
C GLY B 230 17.06 -23.81 12.10
N LEU B 231 17.86 -22.88 11.59
CA LEU B 231 17.61 -22.28 10.28
C LEU B 231 17.86 -23.27 9.14
N PRO B 232 16.87 -23.45 8.26
CA PRO B 232 17.03 -24.22 7.03
C PRO B 232 18.04 -23.59 6.08
N ASP B 233 18.37 -24.28 5.00
CA ASP B 233 19.24 -23.74 3.97
C ASP B 233 18.50 -22.61 3.26
N ALA B 234 17.18 -22.75 3.15
CA ALA B 234 16.36 -21.90 2.31
C ALA B 234 15.02 -21.59 2.97
N LEU B 235 14.55 -20.36 2.76
CA LEU B 235 13.24 -19.93 3.25
C LEU B 235 12.39 -19.40 2.09
N ILE B 236 11.12 -19.81 2.06
CA ILE B 236 10.19 -19.39 1.02
C ILE B 236 8.99 -18.74 1.69
N VAL B 237 8.69 -17.49 1.30
CA VAL B 237 7.64 -16.71 1.96
C VAL B 237 6.57 -16.23 0.96
N ALA B 238 5.32 -16.57 1.24
CA ALA B 238 4.22 -16.46 0.26
C ALA B 238 3.38 -15.18 0.33
N SER B 239 3.91 -14.14 0.98
CA SER B 239 3.18 -12.88 1.17
C SER B 239 4.15 -11.76 1.52
N PRO B 240 3.88 -10.52 1.04
CA PRO B 240 4.73 -9.40 1.46
C PRO B 240 4.57 -9.03 2.94
N ARG B 241 3.35 -9.20 3.47
CA ARG B 241 3.05 -9.00 4.89
C ARG B 241 3.81 -9.97 5.79
N LEU B 242 3.81 -11.24 5.43
CA LEU B 242 4.61 -12.26 6.12
C LEU B 242 6.10 -11.98 6.02
N MET B 243 6.55 -11.51 4.85
CA MET B 243 7.95 -11.18 4.61
C MET B 243 8.42 -10.01 5.49
N ALA B 244 7.51 -9.06 5.72
CA ALA B 244 7.74 -7.93 6.63
C ALA B 244 7.90 -8.44 8.06
N GLY B 245 7.08 -9.40 8.44
CA GLY B 245 7.20 -10.11 9.73
C GLY B 245 8.52 -10.86 9.87
N VAL B 246 8.88 -11.64 8.85
CA VAL B 246 10.16 -12.35 8.81
C VAL B 246 11.37 -11.42 8.96
N MET B 247 11.34 -10.27 8.27
CA MET B 247 12.51 -9.38 8.29
C MET B 247 12.66 -8.63 9.62
N ARG B 248 11.53 -8.30 10.25
CA ARG B 248 11.53 -7.72 11.59
C ARG B 248 12.09 -8.70 12.62
N ALA B 249 11.61 -9.95 12.57
CA ALA B 249 12.15 -11.05 13.38
C ALA B 249 13.64 -11.25 13.14
N PHE B 250 14.05 -11.29 11.88
CA PHE B 250 15.46 -11.53 11.52
C PHE B 250 16.38 -10.37 11.92
N THR B 251 15.83 -9.16 12.01
CA THR B 251 16.57 -7.99 12.47
C THR B 251 16.83 -8.10 13.98
N ARG B 252 15.77 -8.41 14.71
CA ARG B 252 15.79 -8.63 16.16
C ARG B 252 16.70 -9.80 16.56
N LEU B 253 16.68 -10.88 15.77
CA LEU B 253 17.46 -12.09 16.05
C LEU B 253 18.81 -12.13 15.34
N ASN B 254 19.22 -10.96 14.81
CA ASN B 254 20.52 -10.75 14.15
C ASN B 254 20.86 -11.65 12.95
N VAL B 255 19.83 -12.20 12.30
CA VAL B 255 19.97 -13.09 11.14
C VAL B 255 20.33 -12.30 9.87
N ARG B 256 21.42 -12.69 9.23
CA ARG B 256 21.88 -12.07 7.97
C ARG B 256 21.29 -12.77 6.74
N VAL B 257 20.88 -11.98 5.76
CA VAL B 257 20.37 -12.49 4.48
C VAL B 257 21.18 -11.82 3.36
N PRO B 258 21.73 -12.61 2.42
CA PRO B 258 21.64 -14.05 2.20
C PRO B 258 22.77 -14.89 2.79
N HIS B 259 23.51 -14.36 3.77
CA HIS B 259 24.70 -15.04 4.31
CA HIS B 259 24.70 -15.05 4.28
C HIS B 259 24.35 -16.25 5.18
N ASP B 260 23.39 -16.07 6.08
CA ASP B 260 22.94 -17.17 6.94
C ASP B 260 21.98 -18.07 6.18
N VAL B 261 20.84 -17.52 5.77
CA VAL B 261 19.81 -18.22 5.01
C VAL B 261 19.67 -17.55 3.64
N VAL B 262 19.23 -18.32 2.64
CA VAL B 262 18.70 -17.70 1.42
C VAL B 262 17.18 -17.58 1.52
N ILE B 263 16.64 -16.55 0.85
CA ILE B 263 15.21 -16.24 0.93
C ILE B 263 14.60 -15.97 -0.46
N GLY B 264 13.39 -16.50 -0.68
CA GLY B 264 12.57 -16.10 -1.82
C GLY B 264 11.21 -15.64 -1.31
N GLY B 265 10.71 -14.54 -1.88
CA GLY B 265 9.44 -13.93 -1.44
C GLY B 265 8.36 -13.81 -2.50
N TYR B 266 7.28 -13.12 -2.16
CA TYR B 266 6.13 -12.99 -3.06
C TYR B 266 5.73 -11.54 -3.26
N ASP B 267 5.35 -11.20 -4.50
CA ASP B 267 4.98 -9.85 -4.93
C ASP B 267 6.20 -8.93 -4.92
N ASP B 268 6.03 -7.61 -5.04
CA ASP B 268 7.20 -6.73 -5.12
C ASP B 268 6.96 -5.32 -4.55
N PRO B 269 6.80 -5.20 -3.21
CA PRO B 269 6.80 -3.85 -2.64
C PRO B 269 8.20 -3.27 -2.76
N GLU B 270 8.31 -1.95 -2.78
CA GLU B 270 9.61 -1.30 -3.05
C GLU B 270 10.73 -1.70 -2.11
N TRP B 271 10.37 -2.05 -0.87
CA TRP B 271 11.35 -2.39 0.14
C TRP B 271 12.11 -3.69 -0.11
N TYR B 272 11.55 -4.58 -0.92
CA TYR B 272 12.23 -5.80 -1.39
C TYR B 272 13.56 -5.49 -2.07
N SER B 273 13.61 -4.36 -2.78
CA SER B 273 14.80 -3.94 -3.51
C SER B 273 15.97 -3.49 -2.63
N PHE B 274 15.69 -3.10 -1.38
CA PHE B 274 16.78 -2.63 -0.53
C PHE B 274 17.05 -3.38 0.80
N VAL B 275 16.41 -4.53 0.99
CA VAL B 275 16.69 -5.40 2.15
C VAL B 275 17.19 -6.78 1.69
N GLY B 276 18.03 -7.39 2.52
CA GLY B 276 18.58 -8.73 2.27
C GLY B 276 19.28 -8.89 0.94
N ALA B 277 20.03 -7.87 0.54
CA ALA B 277 20.68 -7.78 -0.80
C ALA B 277 19.69 -7.76 -1.97
N GLY B 278 18.44 -7.41 -1.68
CA GLY B 278 17.37 -7.45 -2.68
C GLY B 278 16.65 -8.78 -2.57
N ILE B 279 15.35 -8.75 -2.32
CA ILE B 279 14.57 -9.98 -2.18
C ILE B 279 14.18 -10.56 -3.54
N THR B 280 14.65 -11.78 -3.80
CA THR B 280 14.23 -12.54 -4.97
C THR B 280 12.76 -12.91 -4.77
N THR B 281 11.93 -12.65 -5.78
CA THR B 281 10.49 -12.77 -5.60
C THR B 281 9.77 -13.26 -6.85
N PHE B 282 8.62 -13.90 -6.65
CA PHE B 282 7.69 -14.13 -7.73
C PHE B 282 6.61 -13.04 -7.69
N VAL B 283 6.52 -12.28 -8.79
CA VAL B 283 5.59 -11.17 -8.90
C VAL B 283 4.44 -11.54 -9.82
N PRO B 284 3.21 -11.64 -9.27
CA PRO B 284 1.99 -11.81 -10.05
C PRO B 284 1.79 -10.64 -11.04
N PRO B 285 1.15 -10.89 -12.20
CA PRO B 285 1.09 -9.82 -13.21
C PRO B 285 -0.06 -8.83 -12.98
N HIS B 286 0.13 -7.91 -12.03
CA HIS B 286 -0.93 -6.98 -11.58
C HIS B 286 -1.54 -6.10 -12.67
N GLU B 287 -0.69 -5.49 -13.48
CA GLU B 287 -1.11 -4.60 -14.56
C GLU B 287 -1.86 -5.39 -15.64
N GLU B 288 -1.33 -6.56 -15.98
CA GLU B 288 -1.92 -7.47 -16.96
C GLU B 288 -3.30 -7.92 -16.49
N MET B 289 -3.41 -8.29 -15.22
CA MET B 289 -4.70 -8.65 -14.60
C MET B 289 -5.72 -7.52 -14.69
N GLY B 290 -5.26 -6.30 -14.46
CA GLY B 290 -6.12 -5.12 -14.53
C GLY B 290 -6.59 -4.84 -15.95
N LYS B 291 -5.67 -4.90 -16.91
CA LYS B 291 -5.99 -4.71 -18.32
C LYS B 291 -6.95 -5.77 -18.83
N GLU B 292 -6.70 -7.02 -18.44
CA GLU B 292 -7.51 -8.15 -18.86
C GLU B 292 -8.92 -8.10 -18.28
N ALA B 293 -9.06 -7.69 -17.02
CA ALA B 293 -10.38 -7.63 -16.40
C ALA B 293 -11.33 -6.58 -17.02
N VAL B 294 -10.77 -5.43 -17.41
CA VAL B 294 -11.55 -4.36 -18.06
C VAL B 294 -11.98 -4.80 -19.47
N ARG B 295 -11.02 -5.33 -20.23
CA ARG B 295 -11.26 -5.94 -21.54
C ARG B 295 -12.40 -6.97 -21.52
N LEU B 296 -12.34 -7.92 -20.59
CA LEU B 296 -13.42 -8.91 -20.42
C LEU B 296 -14.76 -8.30 -20.03
N LEU B 297 -14.75 -7.24 -19.22
CA LEU B 297 -15.98 -6.55 -18.82
C LEU B 297 -16.62 -5.77 -19.98
N VAL B 298 -15.79 -5.07 -20.75
CA VAL B 298 -16.23 -4.35 -21.94
C VAL B 298 -16.78 -5.32 -23.01
N ASP B 299 -16.10 -6.46 -23.18
CA ASP B 299 -16.62 -7.58 -23.99
C ASP B 299 -18.04 -7.99 -23.58
N LEU B 300 -18.26 -8.15 -22.27
CA LEU B 300 -19.58 -8.53 -21.74
C LEU B 300 -20.67 -7.48 -21.89
N ILE B 301 -20.30 -6.21 -21.75
CA ILE B 301 -21.25 -5.10 -21.84
C ILE B 301 -21.68 -4.87 -23.29
N GLU B 302 -20.71 -4.84 -24.20
CA GLU B 302 -20.97 -4.62 -25.62
C GLU B 302 -21.56 -5.86 -26.32
N ASN B 303 -20.95 -7.02 -26.10
CA ASN B 303 -21.38 -8.24 -26.76
C ASN B 303 -21.61 -9.41 -25.82
N PRO B 304 -22.77 -9.44 -25.12
CA PRO B 304 -23.07 -10.53 -24.15
C PRO B 304 -23.28 -11.90 -24.80
N GLU B 305 -23.50 -11.92 -26.11
CA GLU B 305 -23.70 -13.17 -26.87
C GLU B 305 -22.37 -13.85 -27.20
N LEU B 306 -21.31 -13.06 -27.33
CA LEU B 306 -19.98 -13.59 -27.59
C LEU B 306 -19.39 -14.15 -26.30
N PRO B 307 -18.78 -15.34 -26.37
CA PRO B 307 -18.25 -15.95 -25.16
C PRO B 307 -16.91 -15.38 -24.73
N THR B 308 -16.62 -15.53 -23.44
CA THR B 308 -15.33 -15.17 -22.87
C THR B 308 -15.04 -16.10 -21.69
N GLY B 309 -13.98 -16.90 -21.83
CA GLY B 309 -13.66 -17.88 -20.81
C GLY B 309 -12.71 -17.33 -19.76
N ASP B 310 -12.06 -18.25 -19.05
CA ASP B 310 -11.01 -17.91 -18.11
C ASP B 310 -9.77 -17.46 -18.85
N VAL B 311 -9.07 -16.49 -18.26
CA VAL B 311 -7.74 -16.14 -18.70
C VAL B 311 -6.78 -16.49 -17.58
N VAL B 312 -5.79 -17.33 -17.88
CA VAL B 312 -4.74 -17.65 -16.93
C VAL B 312 -3.53 -16.80 -17.28
N LEU B 313 -3.05 -16.04 -16.30
CA LEU B 313 -1.92 -15.14 -16.49
C LEU B 313 -0.69 -15.64 -15.74
N GLN B 314 0.47 -15.37 -16.32
CA GLN B 314 1.73 -15.82 -15.76
C GLN B 314 2.48 -14.59 -15.26
N GLY B 315 3.02 -14.69 -14.06
CA GLY B 315 3.84 -13.62 -13.52
C GLY B 315 5.29 -13.86 -13.89
N GLN B 316 6.21 -13.33 -13.08
CA GLN B 316 7.63 -13.49 -13.35
C GLN B 316 8.42 -13.51 -12.06
N VAL B 317 9.58 -14.18 -12.12
CA VAL B 317 10.49 -14.21 -11.01
C VAL B 317 11.55 -13.14 -11.25
N ILE B 318 11.73 -12.27 -10.27
CA ILE B 318 12.82 -11.30 -10.32
C ILE B 318 13.96 -11.79 -9.44
N LEU B 319 15.12 -11.98 -10.05
CA LEU B 319 16.29 -12.48 -9.35
C LEU B 319 17.11 -11.35 -8.76
N ARG B 320 17.30 -11.40 -7.45
CA ARG B 320 18.10 -10.42 -6.74
C ARG B 320 19.08 -11.19 -5.85
N GLY B 321 19.60 -10.53 -4.81
CA GLY B 321 20.72 -11.09 -4.06
C GLY B 321 20.38 -12.08 -2.97
N SER B 322 19.12 -12.12 -2.54
CA SER B 322 18.71 -12.89 -1.36
C SER B 322 18.68 -14.40 -1.54
N SER B 323 18.76 -14.87 -2.78
CA SER B 323 18.54 -16.29 -3.08
C SER B 323 19.82 -17.02 -3.49
N THR B 324 20.91 -16.28 -3.62
CA THR B 324 22.23 -16.84 -3.93
C THR B 324 23.19 -16.57 -2.77
N HIS B 325 24.05 -17.54 -2.47
CA HIS B 325 25.13 -17.36 -1.50
C HIS B 325 26.35 -16.70 -2.15
S SO4 C . 15.34 -3.80 -8.93
O1 SO4 C . 15.97 -2.56 -9.39
O2 SO4 C . 15.46 -3.88 -7.48
O3 SO4 C . 13.93 -3.80 -9.31
O4 SO4 C . 16.01 -4.96 -9.53
S SO4 D . 8.96 0.00 16.80
O1 SO4 D . 9.68 1.17 17.35
O2 SO4 D . 8.72 -0.96 17.88
O3 SO4 D . 7.68 0.43 16.25
O4 SO4 D . 9.77 -0.65 15.77
S SO4 E . 25.81 -0.51 8.49
O1 SO4 E . 27.02 0.12 9.00
O2 SO4 E . 25.02 -1.02 9.61
O3 SO4 E . 25.03 0.48 7.73
O4 SO4 E . 26.15 -1.62 7.60
C1 GOL F . 3.86 -22.45 12.28
O1 GOL F . 5.25 -22.36 12.50
C2 GOL F . 3.39 -23.88 12.54
O2 GOL F . 4.00 -24.76 11.61
C3 GOL F . 1.87 -23.96 12.41
O3 GOL F . 1.48 -23.86 11.06
#